data_2JFN
#
_entry.id   2JFN
#
_cell.length_a   83.050
_cell.length_b   112.820
_cell.length_c   74.120
_cell.angle_alpha   90.00
_cell.angle_beta   90.00
_cell.angle_gamma   90.00
#
_symmetry.space_group_name_H-M   'C 2 2 21'
#
loop_
_entity.id
_entity.type
_entity.pdbx_description
1 polymer 'GLUTAMATE RACEMASE'
2 non-polymer 'GLUTAMIC ACID'
3 non-polymer "URIDINE-5'-DIPHOSPHATE-N-ACETYLMURAMOYL-L-ALANINE"
4 water water
#
_entity_poly.entity_id   1
_entity_poly.type   'polypeptide(L)'
_entity_poly.pdbx_seq_one_letter_code
;MATKLQDGNTPCLAATPSEPRPTVLVFDSGVGGLSVYDEIRHLLPDLHYIYAFDNVAFPYGEKSEAFIVERVVAIVTAVQ
ERYPLALAVVACNTASTVSLPALREKFDFPVVGVVPAIKPAARLTANGIVGLLATRGTVKRSYTHELIARFANECQIEML
GSAEMVELAEAKLHGEDVSLDALKRILRPWLRMKEPPDTVVLGCTHFPLLQEELLQVLPEGTRLVDSGAAIARRTAWLLE
HEAPDAKSADANIAFCMAMTPGAEQLLPVLQRYGFETLEKLAVLG
;
_entity_poly.pdbx_strand_id   A
#
# COMPACT_ATOMS: atom_id res chain seq x y z
N PRO A 20 -18.29 -20.45 3.53
CA PRO A 20 -17.13 -20.14 2.67
C PRO A 20 -17.35 -18.85 1.90
N ARG A 21 -16.33 -18.00 1.87
CA ARG A 21 -16.42 -16.72 1.17
C ARG A 21 -15.21 -16.57 0.25
N PRO A 22 -15.30 -15.67 -0.75
CA PRO A 22 -14.17 -15.48 -1.67
C PRO A 22 -12.87 -15.12 -0.95
N THR A 23 -11.80 -15.78 -1.39
CA THR A 23 -10.48 -15.57 -0.82
C THR A 23 -9.80 -14.41 -1.52
N VAL A 24 -9.43 -13.40 -0.72
CA VAL A 24 -8.76 -12.23 -1.24
C VAL A 24 -7.39 -12.03 -0.61
N LEU A 25 -6.38 -11.89 -1.45
CA LEU A 25 -5.03 -11.66 -0.98
C LEU A 25 -4.70 -10.18 -1.06
N VAL A 26 -4.13 -9.66 0.02
CA VAL A 26 -3.68 -8.27 0.05
C VAL A 26 -2.18 -8.39 0.34
N PHE A 27 -1.36 -7.91 -0.59
CA PHE A 27 0.09 -7.99 -0.50
C PHE A 27 0.82 -6.65 -0.41
N ASP A 28 1.90 -6.63 0.35
CA ASP A 28 2.77 -5.46 0.50
C ASP A 28 4.12 -5.93 0.98
N SER A 29 5.11 -5.05 0.88
CA SER A 29 6.46 -5.35 1.34
C SER A 29 6.47 -5.35 2.87
N GLY A 30 5.57 -4.57 3.47
CA GLY A 30 5.49 -4.50 4.92
C GLY A 30 4.09 -4.30 5.48
N VAL A 31 3.93 -3.32 6.35
CA VAL A 31 2.64 -3.06 6.97
C VAL A 31 1.72 -2.11 6.18
N GLY A 32 2.26 -1.40 5.19
CA GLY A 32 1.45 -0.47 4.42
C GLY A 32 0.20 -1.10 3.82
N GLY A 33 0.31 -2.37 3.42
CA GLY A 33 -0.82 -3.07 2.84
C GLY A 33 -2.04 -3.05 3.74
N LEU A 34 -1.82 -2.98 5.05
CA LEU A 34 -2.92 -2.96 6.01
C LEU A 34 -3.83 -1.74 5.86
N SER A 35 -3.31 -0.62 5.37
CA SER A 35 -4.17 0.55 5.21
C SER A 35 -5.17 0.30 4.08
N VAL A 36 -4.74 -0.41 3.05
CA VAL A 36 -5.60 -0.73 1.92
C VAL A 36 -6.58 -1.80 2.33
N TYR A 37 -6.08 -2.80 3.04
CA TYR A 37 -6.93 -3.88 3.51
C TYR A 37 -8.03 -3.33 4.41
N ASP A 38 -7.68 -2.39 5.28
CA ASP A 38 -8.64 -1.82 6.21
C ASP A 38 -9.85 -1.23 5.46
N GLU A 39 -9.59 -0.55 4.35
CA GLU A 39 -10.66 0.03 3.53
C GLU A 39 -11.47 -1.08 2.84
N ILE A 40 -10.76 -2.09 2.33
CA ILE A 40 -11.45 -3.19 1.67
C ILE A 40 -12.37 -3.94 2.62
N ARG A 41 -11.87 -4.29 3.82
CA ARG A 41 -12.69 -5.02 4.77
C ARG A 41 -13.87 -4.20 5.28
N HIS A 42 -13.72 -2.89 5.30
CA HIS A 42 -14.81 -2.05 5.76
C HIS A 42 -15.97 -2.15 4.76
N LEU A 43 -15.62 -2.35 3.50
CA LEU A 43 -16.61 -2.48 2.43
C LEU A 43 -17.08 -3.93 2.25
N LEU A 44 -16.15 -4.87 2.41
CA LEU A 44 -16.44 -6.30 2.26
C LEU A 44 -15.88 -7.03 3.48
N PRO A 45 -16.59 -6.91 4.61
CA PRO A 45 -16.20 -7.53 5.90
C PRO A 45 -16.20 -9.05 6.09
N ASP A 46 -16.89 -9.80 5.24
CA ASP A 46 -16.95 -11.25 5.45
C ASP A 46 -16.05 -12.12 4.57
N LEU A 47 -15.20 -11.51 3.75
CA LEU A 47 -14.33 -12.29 2.88
C LEU A 47 -13.28 -13.08 3.66
N HIS A 48 -12.65 -14.04 2.98
CA HIS A 48 -11.58 -14.83 3.59
C HIS A 48 -10.32 -14.08 3.17
N TYR A 49 -9.80 -13.26 4.07
CA TYR A 49 -8.62 -12.48 3.77
C TYR A 49 -7.30 -13.14 4.11
N ILE A 50 -6.33 -12.93 3.23
CA ILE A 50 -4.98 -13.42 3.43
C ILE A 50 -4.11 -12.19 3.29
N TYR A 51 -3.33 -11.89 4.31
CA TYR A 51 -2.42 -10.75 4.25
C TYR A 51 -1.02 -11.34 4.17
N ALA A 52 -0.25 -10.91 3.18
CA ALA A 52 1.11 -11.40 3.03
C ALA A 52 2.08 -10.23 2.92
N PHE A 53 3.14 -10.27 3.71
CA PHE A 53 4.13 -9.21 3.65
C PHE A 53 5.53 -9.80 3.53
N ASP A 54 6.34 -9.19 2.66
CA ASP A 54 7.70 -9.64 2.40
C ASP A 54 8.72 -9.04 3.36
N ASN A 55 8.74 -9.52 4.60
CA ASN A 55 9.67 -8.99 5.58
C ASN A 55 11.11 -9.37 5.24
N VAL A 56 11.28 -10.32 4.33
CA VAL A 56 12.61 -10.76 3.91
C VAL A 56 13.30 -9.79 2.95
N ALA A 57 12.54 -9.22 2.02
CA ALA A 57 13.11 -8.30 1.04
C ALA A 57 12.74 -6.84 1.25
N PHE A 58 11.92 -6.55 2.27
CA PHE A 58 11.55 -5.16 2.57
C PHE A 58 12.87 -4.46 2.91
N PRO A 59 13.07 -3.21 2.46
CA PRO A 59 12.18 -2.37 1.63
C PRO A 59 12.38 -2.56 0.13
N TYR A 60 11.28 -2.47 -0.62
CA TYR A 60 11.30 -2.62 -2.07
C TYR A 60 11.79 -1.33 -2.77
N GLY A 61 11.59 -0.19 -2.11
CA GLY A 61 12.01 1.08 -2.68
C GLY A 61 13.40 1.12 -3.27
N GLU A 62 14.34 0.43 -2.61
CA GLU A 62 15.73 0.39 -3.05
C GLU A 62 16.02 -0.68 -4.11
N LYS A 63 15.33 -1.80 -3.99
CA LYS A 63 15.49 -2.95 -4.87
C LYS A 63 15.38 -2.72 -6.38
N SER A 64 16.05 -3.57 -7.14
CA SER A 64 16.05 -3.52 -8.60
C SER A 64 14.66 -3.96 -9.07
N GLU A 65 14.17 -3.36 -10.13
CA GLU A 65 12.86 -3.71 -10.65
C GLU A 65 12.78 -5.16 -11.10
N ALA A 66 13.85 -5.68 -11.68
CA ALA A 66 13.88 -7.07 -12.14
C ALA A 66 13.66 -8.03 -10.97
N PHE A 67 14.27 -7.71 -9.83
CA PHE A 67 14.11 -8.53 -8.63
C PHE A 67 12.67 -8.46 -8.15
N ILE A 68 12.16 -7.23 -7.99
CA ILE A 68 10.80 -7.01 -7.52
C ILE A 68 9.73 -7.80 -8.27
N VAL A 69 9.77 -7.74 -9.61
CA VAL A 69 8.78 -8.46 -10.41
C VAL A 69 8.82 -9.96 -10.10
N GLU A 70 10.02 -10.54 -10.15
CA GLU A 70 10.18 -11.97 -9.89
C GLU A 70 9.75 -12.35 -8.48
N ARG A 71 10.10 -11.51 -7.52
CA ARG A 71 9.78 -11.76 -6.12
C ARG A 71 8.28 -11.74 -5.85
N VAL A 72 7.59 -10.71 -6.34
CA VAL A 72 6.15 -10.62 -6.12
C VAL A 72 5.40 -11.76 -6.82
N VAL A 73 5.85 -12.13 -8.02
CA VAL A 73 5.23 -13.23 -8.73
C VAL A 73 5.44 -14.53 -7.92
N ALA A 74 6.63 -14.71 -7.35
CA ALA A 74 6.90 -15.91 -6.55
C ALA A 74 6.04 -15.94 -5.29
N ILE A 75 5.88 -14.79 -4.63
CA ILE A 75 5.07 -14.78 -3.42
C ILE A 75 3.59 -15.08 -3.73
N VAL A 76 3.04 -14.50 -4.78
CA VAL A 76 1.63 -14.77 -5.11
C VAL A 76 1.47 -16.23 -5.52
N THR A 77 2.51 -16.78 -6.15
CA THR A 77 2.48 -18.18 -6.55
C THR A 77 2.38 -19.06 -5.31
N ALA A 78 3.17 -18.73 -4.29
CA ALA A 78 3.19 -19.50 -3.04
C ALA A 78 1.85 -19.38 -2.33
N VAL A 79 1.29 -18.18 -2.31
CA VAL A 79 0.00 -18.00 -1.64
C VAL A 79 -1.05 -18.85 -2.35
N GLN A 80 -1.06 -18.81 -3.67
CA GLN A 80 -2.02 -19.56 -4.48
C GLN A 80 -1.96 -21.06 -4.20
N GLU A 81 -0.80 -21.54 -3.75
CA GLU A 81 -0.65 -22.95 -3.45
C GLU A 81 -1.35 -23.28 -2.14
N ARG A 82 -1.35 -22.33 -1.22
CA ARG A 82 -2.01 -22.53 0.08
C ARG A 82 -3.52 -22.37 -0.08
N TYR A 83 -3.94 -21.38 -0.88
CA TYR A 83 -5.36 -21.13 -1.11
C TYR A 83 -5.65 -20.59 -2.50
N PRO A 84 -6.60 -21.21 -3.22
CA PRO A 84 -6.91 -20.67 -4.55
C PRO A 84 -7.41 -19.25 -4.27
N LEU A 85 -7.07 -18.30 -5.12
CA LEU A 85 -7.45 -16.91 -4.90
C LEU A 85 -8.56 -16.41 -5.82
N ALA A 86 -9.48 -15.64 -5.27
CA ALA A 86 -10.55 -15.07 -6.07
C ALA A 86 -10.00 -13.74 -6.63
N LEU A 87 -9.10 -13.12 -5.89
CA LEU A 87 -8.53 -11.84 -6.30
C LEU A 87 -7.32 -11.49 -5.43
N ALA A 88 -6.38 -10.75 -6.01
CA ALA A 88 -5.19 -10.32 -5.28
C ALA A 88 -4.98 -8.82 -5.47
N VAL A 89 -4.58 -8.16 -4.39
CA VAL A 89 -4.30 -6.73 -4.41
C VAL A 89 -2.84 -6.47 -4.10
N VAL A 90 -2.15 -5.79 -5.01
CA VAL A 90 -0.76 -5.45 -4.78
C VAL A 90 -0.86 -4.08 -4.13
N ALA A 91 -1.11 -4.06 -2.82
CA ALA A 91 -1.26 -2.82 -2.06
C ALA A 91 0.11 -2.28 -1.71
N CYS A 92 0.89 -2.03 -2.76
CA CYS A 92 2.26 -1.57 -2.63
C CYS A 92 2.62 -0.78 -3.90
N ASN A 93 2.87 0.52 -3.77
CA ASN A 93 3.22 1.36 -4.92
C ASN A 93 4.52 0.96 -5.60
N THR A 94 5.54 0.64 -4.81
CA THR A 94 6.84 0.25 -5.36
C THR A 94 6.80 -1.10 -6.08
N ALA A 95 5.67 -1.80 -6.00
CA ALA A 95 5.56 -3.09 -6.66
C ALA A 95 4.50 -3.12 -7.75
N SER A 96 3.39 -2.44 -7.51
CA SER A 96 2.28 -2.43 -8.45
C SER A 96 2.70 -2.25 -9.90
N THR A 97 3.03 -1.02 -10.27
CA THR A 97 3.41 -0.72 -11.65
C THR A 97 4.19 -1.84 -12.34
N VAL A 98 5.43 -2.02 -11.93
CA VAL A 98 6.30 -3.02 -12.53
C VAL A 98 5.84 -4.48 -12.49
N SER A 99 5.00 -4.84 -11.52
CA SER A 99 4.56 -6.23 -11.36
C SER A 99 3.23 -6.66 -11.98
N LEU A 100 2.35 -5.71 -12.24
CA LEU A 100 1.03 -6.03 -12.79
C LEU A 100 1.00 -6.86 -14.09
N PRO A 101 1.75 -6.45 -15.12
CA PRO A 101 1.73 -7.25 -16.36
C PRO A 101 2.09 -8.71 -16.12
N ALA A 102 3.18 -8.94 -15.40
CA ALA A 102 3.66 -10.29 -15.12
C ALA A 102 2.65 -11.11 -14.30
N LEU A 103 2.03 -10.46 -13.33
CA LEU A 103 1.04 -11.13 -12.48
C LEU A 103 -0.23 -11.46 -13.25
N ARG A 104 -0.66 -10.54 -14.10
CA ARG A 104 -1.88 -10.76 -14.87
C ARG A 104 -1.69 -11.81 -15.94
N GLU A 105 -0.44 -12.04 -16.35
CA GLU A 105 -0.14 -13.05 -17.35
C GLU A 105 -0.11 -14.43 -16.70
N LYS A 106 0.49 -14.53 -15.53
CA LYS A 106 0.60 -15.81 -14.86
C LYS A 106 -0.68 -16.33 -14.20
N PHE A 107 -1.47 -15.43 -13.62
CA PHE A 107 -2.67 -15.85 -12.91
C PHE A 107 -3.98 -15.62 -13.62
N ASP A 108 -4.97 -16.45 -13.25
CA ASP A 108 -6.30 -16.36 -13.83
C ASP A 108 -7.35 -15.84 -12.86
N PHE A 109 -6.94 -14.88 -12.06
CA PHE A 109 -7.83 -14.22 -11.13
C PHE A 109 -7.46 -12.77 -11.29
N PRO A 110 -8.42 -11.86 -11.09
CA PRO A 110 -8.10 -10.44 -11.24
C PRO A 110 -7.05 -9.94 -10.25
N VAL A 111 -6.22 -9.03 -10.70
CA VAL A 111 -5.17 -8.46 -9.86
C VAL A 111 -5.39 -6.95 -9.82
N VAL A 112 -5.42 -6.40 -8.60
CA VAL A 112 -5.60 -4.97 -8.43
C VAL A 112 -4.26 -4.33 -8.10
N GLY A 113 -4.00 -3.20 -8.75
CA GLY A 113 -2.76 -2.48 -8.50
C GLY A 113 -3.05 -1.15 -7.85
N VAL A 114 -1.97 -0.43 -7.51
CA VAL A 114 -2.11 0.88 -6.87
C VAL A 114 -1.16 1.92 -7.46
N VAL A 115 -1.71 3.09 -7.74
CA VAL A 115 -0.92 4.19 -8.25
C VAL A 115 -1.32 5.39 -7.42
N PRO A 116 -0.40 6.34 -7.18
CA PRO A 116 -0.73 7.53 -6.38
C PRO A 116 -2.00 8.19 -6.90
N ALA A 117 -2.88 8.58 -5.97
CA ALA A 117 -4.16 9.21 -6.30
C ALA A 117 -4.05 10.65 -6.81
N ILE A 118 -3.16 10.86 -7.78
CA ILE A 118 -2.96 12.18 -8.34
C ILE A 118 -4.19 12.70 -9.06
N LYS A 119 -4.85 11.83 -9.82
CA LYS A 119 -6.04 12.21 -10.57
C LYS A 119 -7.14 12.88 -9.72
N PRO A 120 -7.63 12.19 -8.66
CA PRO A 120 -8.66 12.87 -7.87
C PRO A 120 -8.14 14.09 -7.11
N ALA A 121 -6.88 14.05 -6.70
CA ALA A 121 -6.31 15.17 -5.96
C ALA A 121 -6.31 16.43 -6.83
N ALA A 122 -6.07 16.26 -8.13
CA ALA A 122 -6.03 17.39 -9.06
C ALA A 122 -7.40 18.04 -9.19
N ARG A 123 -8.46 17.27 -9.01
CA ARG A 123 -9.82 17.80 -9.10
C ARG A 123 -10.30 18.36 -7.76
N LEU A 124 -9.54 18.14 -6.70
CA LEU A 124 -9.93 18.61 -5.37
C LEU A 124 -9.20 19.86 -4.89
N THR A 125 -7.97 20.04 -5.36
CA THR A 125 -7.18 21.18 -4.94
C THR A 125 -7.88 22.50 -5.28
N ALA A 126 -7.75 23.48 -4.40
CA ALA A 126 -8.35 24.78 -4.60
C ALA A 126 -7.29 25.81 -4.97
N ASN A 127 -6.08 25.63 -4.44
CA ASN A 127 -4.99 26.56 -4.73
C ASN A 127 -4.11 26.09 -5.86
N GLY A 128 -4.41 24.91 -6.39
CA GLY A 128 -3.63 24.37 -7.49
C GLY A 128 -2.28 23.78 -7.09
N ILE A 129 -2.01 23.70 -5.79
CA ILE A 129 -0.74 23.13 -5.32
C ILE A 129 -1.02 21.75 -4.73
N VAL A 130 -0.58 20.71 -5.44
CA VAL A 130 -0.79 19.35 -4.98
C VAL A 130 0.53 18.69 -4.60
N GLY A 131 0.58 18.16 -3.39
CA GLY A 131 1.78 17.50 -2.93
C GLY A 131 1.70 15.98 -3.09
N LEU A 132 2.85 15.36 -3.33
CA LEU A 132 2.90 13.91 -3.47
C LEU A 132 3.93 13.39 -2.49
N LEU A 133 3.48 12.65 -1.50
CA LEU A 133 4.37 12.04 -0.51
C LEU A 133 4.49 10.58 -0.91
N ALA A 134 5.70 10.14 -1.19
CA ALA A 134 5.93 8.76 -1.58
C ALA A 134 7.28 8.34 -1.03
N THR A 135 7.64 7.08 -1.23
CA THR A 135 8.94 6.65 -0.74
C THR A 135 9.98 7.12 -1.75
N ARG A 136 11.24 7.13 -1.33
CA ARG A 136 12.33 7.60 -2.17
C ARG A 136 12.34 7.00 -3.58
N GLY A 137 12.14 5.70 -3.69
CA GLY A 137 12.15 5.04 -4.98
C GLY A 137 10.98 5.36 -5.90
N THR A 138 9.82 5.65 -5.32
CA THR A 138 8.62 5.96 -6.10
C THR A 138 8.66 7.32 -6.81
N VAL A 139 9.37 8.27 -6.23
CA VAL A 139 9.47 9.60 -6.82
C VAL A 139 10.53 9.70 -7.91
N LYS A 140 11.21 8.58 -8.18
CA LYS A 140 12.25 8.54 -9.20
C LYS A 140 11.81 7.70 -10.39
N ARG A 141 10.62 7.13 -10.30
CA ARG A 141 10.07 6.28 -11.34
C ARG A 141 9.44 7.07 -12.50
N SER A 142 9.64 6.57 -13.72
CA SER A 142 9.09 7.22 -14.90
C SER A 142 7.57 7.12 -14.85
N TYR A 143 7.06 5.99 -14.36
CA TYR A 143 5.64 5.75 -14.24
C TYR A 143 4.99 6.90 -13.47
N THR A 144 5.70 7.39 -12.46
CA THR A 144 5.19 8.48 -11.64
C THR A 144 5.18 9.78 -12.44
N HIS A 145 6.36 10.25 -12.83
CA HIS A 145 6.51 11.49 -13.60
C HIS A 145 5.45 11.61 -14.70
N GLU A 146 5.13 10.47 -15.32
CA GLU A 146 4.15 10.44 -16.39
C GLU A 146 2.75 10.73 -15.88
N LEU A 147 2.34 10.01 -14.84
CA LEU A 147 1.02 10.19 -14.26
C LEU A 147 0.81 11.64 -13.85
N ILE A 148 1.88 12.25 -13.35
CA ILE A 148 1.83 13.64 -12.92
C ILE A 148 1.47 14.59 -14.06
N ALA A 149 1.86 14.22 -15.28
CA ALA A 149 1.59 15.05 -16.44
C ALA A 149 0.26 14.69 -17.08
N ARG A 150 -0.15 13.43 -16.94
CA ARG A 150 -1.39 12.96 -17.54
C ARG A 150 -2.67 13.48 -16.88
N PHE A 151 -2.76 13.44 -15.55
CA PHE A 151 -3.97 13.90 -14.87
C PHE A 151 -3.77 15.12 -13.98
N ALA A 152 -2.61 15.75 -14.05
CA ALA A 152 -2.35 16.93 -13.25
C ALA A 152 -1.65 18.03 -14.06
N ASN A 153 -2.15 18.27 -15.26
CA ASN A 153 -1.58 19.27 -16.16
C ASN A 153 -2.01 20.69 -15.75
N GLU A 154 -3.13 20.79 -15.04
CA GLU A 154 -3.64 22.08 -14.62
C GLU A 154 -3.20 22.53 -13.23
N CYS A 155 -2.32 21.76 -12.59
CA CYS A 155 -1.83 22.11 -11.25
C CYS A 155 -0.35 21.79 -11.12
N GLN A 156 0.29 22.40 -10.13
CA GLN A 156 1.71 22.15 -9.90
C GLN A 156 1.89 21.07 -8.84
N ILE A 157 2.76 20.12 -9.13
CA ILE A 157 3.01 19.01 -8.22
C ILE A 157 4.30 19.16 -7.44
N GLU A 158 4.19 19.07 -6.12
CA GLU A 158 5.34 19.16 -5.24
C GLU A 158 5.62 17.74 -4.76
N MET A 159 6.69 17.13 -5.26
CA MET A 159 7.05 15.78 -4.86
C MET A 159 7.97 15.75 -3.66
N LEU A 160 7.77 14.76 -2.81
CA LEU A 160 8.60 14.58 -1.63
C LEU A 160 8.70 13.07 -1.35
N GLY A 161 9.87 12.50 -1.62
CA GLY A 161 10.07 11.08 -1.40
C GLY A 161 10.79 10.85 -0.08
N SER A 162 10.26 9.96 0.75
CA SER A 162 10.88 9.70 2.04
C SER A 162 10.86 8.24 2.48
N ALA A 163 12.03 7.62 2.47
CA ALA A 163 12.14 6.23 2.90
C ALA A 163 12.00 6.21 4.43
N GLU A 164 12.41 7.31 5.07
CA GLU A 164 12.32 7.40 6.52
C GLU A 164 10.88 7.35 7.02
N MET A 165 9.97 7.97 6.26
CA MET A 165 8.57 7.97 6.67
C MET A 165 8.03 6.54 6.63
N VAL A 166 8.51 5.74 5.69
CA VAL A 166 8.07 4.35 5.60
C VAL A 166 8.47 3.66 6.90
N GLU A 167 9.68 3.92 7.36
CA GLU A 167 10.19 3.32 8.60
C GLU A 167 9.39 3.79 9.81
N LEU A 168 8.95 5.05 9.79
CA LEU A 168 8.18 5.57 10.90
C LEU A 168 6.88 4.79 10.97
N ALA A 169 6.29 4.49 9.81
CA ALA A 169 5.04 3.73 9.77
C ALA A 169 5.30 2.31 10.27
N GLU A 170 6.39 1.70 9.84
CA GLU A 170 6.73 0.36 10.30
C GLU A 170 6.86 0.39 11.82
N ALA A 171 7.66 1.32 12.33
CA ALA A 171 7.86 1.45 13.77
C ALA A 171 6.54 1.55 14.50
N LYS A 172 5.66 2.43 14.02
CA LYS A 172 4.37 2.62 14.66
C LYS A 172 3.59 1.32 14.86
N LEU A 173 3.42 0.55 13.79
CA LEU A 173 2.67 -0.69 13.91
C LEU A 173 3.45 -1.78 14.65
N HIS A 174 4.71 -1.52 14.95
CA HIS A 174 5.52 -2.49 15.68
C HIS A 174 5.47 -2.15 17.16
N GLY A 175 4.80 -1.05 17.50
CA GLY A 175 4.67 -0.67 18.89
C GLY A 175 5.44 0.55 19.34
N GLU A 176 6.23 1.14 18.44
CA GLU A 176 6.99 2.33 18.79
C GLU A 176 6.18 3.59 18.48
N ASP A 177 6.41 4.65 19.24
CA ASP A 177 5.69 5.90 19.04
C ASP A 177 6.41 6.72 17.97
N VAL A 178 5.62 7.37 17.13
CA VAL A 178 6.18 8.18 16.05
C VAL A 178 6.65 9.54 16.57
N SER A 179 7.91 9.86 16.28
CA SER A 179 8.48 11.14 16.70
C SER A 179 7.97 12.24 15.77
N LEU A 180 7.17 13.15 16.31
CA LEU A 180 6.64 14.24 15.50
C LEU A 180 7.76 15.14 15.00
N ASP A 181 8.84 15.26 15.78
CA ASP A 181 9.95 16.09 15.36
C ASP A 181 10.62 15.53 14.12
N ALA A 182 10.66 14.20 14.02
CA ALA A 182 11.25 13.54 12.85
C ALA A 182 10.39 13.87 11.63
N LEU A 183 9.07 13.84 11.82
CA LEU A 183 8.14 14.14 10.74
C LEU A 183 8.28 15.59 10.28
N LYS A 184 8.35 16.51 11.23
CA LYS A 184 8.49 17.92 10.91
C LYS A 184 9.74 18.15 10.09
N ARG A 185 10.80 17.43 10.43
CA ARG A 185 12.07 17.56 9.73
C ARG A 185 11.90 17.07 8.29
N ILE A 186 11.28 15.92 8.13
CA ILE A 186 11.06 15.36 6.81
C ILE A 186 10.21 16.33 5.97
N LEU A 187 9.20 16.92 6.60
CA LEU A 187 8.30 17.85 5.91
C LEU A 187 8.76 19.31 5.93
N ARG A 188 9.94 19.56 6.48
CA ARG A 188 10.46 20.92 6.57
C ARG A 188 10.31 21.70 5.26
N PRO A 189 10.70 21.09 4.12
CA PRO A 189 10.59 21.76 2.81
C PRO A 189 9.22 22.38 2.61
N TRP A 190 8.18 21.62 2.92
CA TRP A 190 6.81 22.08 2.77
C TRP A 190 6.40 23.11 3.82
N LEU A 191 6.85 22.91 5.05
CA LEU A 191 6.53 23.84 6.12
C LEU A 191 7.19 25.20 5.90
N ARG A 192 8.17 25.27 5.00
CA ARG A 192 8.84 26.54 4.73
C ARG A 192 8.29 27.23 3.48
N MET A 193 7.24 26.67 2.90
CA MET A 193 6.64 27.25 1.70
C MET A 193 5.65 28.38 2.03
N LYS A 194 5.64 29.41 1.19
CA LYS A 194 4.72 30.53 1.37
C LYS A 194 3.31 29.97 1.26
N GLU A 195 3.08 29.19 0.21
CA GLU A 195 1.79 28.56 -0.01
C GLU A 195 1.98 27.06 -0.21
N PRO A 196 1.92 26.29 0.88
CA PRO A 196 2.09 24.83 0.78
C PRO A 196 0.91 24.18 0.07
N PRO A 197 1.06 22.91 -0.34
CA PRO A 197 -0.04 22.21 -1.02
C PRO A 197 -1.26 22.18 -0.13
N ASP A 198 -2.45 22.37 -0.71
CA ASP A 198 -3.65 22.30 0.12
C ASP A 198 -4.20 20.88 0.02
N THR A 199 -3.59 20.08 -0.85
CA THR A 199 -3.98 18.69 -1.05
C THR A 199 -2.73 17.82 -1.12
N VAL A 200 -2.64 16.80 -0.28
CA VAL A 200 -1.46 15.94 -0.27
C VAL A 200 -1.82 14.49 -0.58
N VAL A 201 -1.22 13.95 -1.64
CA VAL A 201 -1.47 12.57 -2.05
C VAL A 201 -0.52 11.64 -1.32
N LEU A 202 -1.08 10.62 -0.67
CA LEU A 202 -0.23 9.65 0.02
C LEU A 202 0.01 8.57 -1.03
N GLY A 203 1.16 8.66 -1.68
CA GLY A 203 1.52 7.72 -2.74
C GLY A 203 2.35 6.54 -2.27
N CYS A 204 2.19 6.20 -0.99
CA CYS A 204 2.88 5.06 -0.40
C CYS A 204 1.82 4.49 0.53
N THR A 205 1.49 3.20 0.38
CA THR A 205 0.46 2.61 1.22
C THR A 205 0.81 2.61 2.71
N HIS A 206 2.06 2.90 3.04
CA HIS A 206 2.47 2.98 4.44
C HIS A 206 1.99 4.29 5.07
N PHE A 207 1.92 5.34 4.26
CA PHE A 207 1.57 6.67 4.77
C PHE A 207 0.20 6.88 5.40
N PRO A 208 -0.88 6.30 4.84
CA PRO A 208 -2.18 6.52 5.46
C PRO A 208 -2.16 6.08 6.94
N LEU A 209 -1.26 5.16 7.26
CA LEU A 209 -1.13 4.66 8.63
C LEU A 209 -0.65 5.76 9.57
N LEU A 210 -0.08 6.81 8.99
CA LEU A 210 0.44 7.95 9.75
C LEU A 210 -0.47 9.18 9.63
N GLN A 211 -1.68 8.96 9.14
CA GLN A 211 -2.60 10.08 8.96
C GLN A 211 -2.68 11.02 10.16
N GLU A 212 -2.92 10.49 11.34
CA GLU A 212 -3.03 11.33 12.53
C GLU A 212 -1.79 12.19 12.74
N GLU A 213 -0.62 11.55 12.72
CA GLU A 213 0.64 12.25 12.89
C GLU A 213 0.85 13.31 11.81
N LEU A 214 0.56 12.95 10.55
CA LEU A 214 0.73 13.88 9.44
C LEU A 214 -0.14 15.12 9.60
N LEU A 215 -1.37 14.91 10.06
CA LEU A 215 -2.29 16.03 10.25
C LEU A 215 -1.87 16.96 11.39
N GLN A 216 -1.04 16.46 12.31
CA GLN A 216 -0.59 17.29 13.42
C GLN A 216 0.57 18.16 12.98
N VAL A 217 1.33 17.69 11.99
CA VAL A 217 2.50 18.40 11.50
C VAL A 217 2.23 19.29 10.30
N LEU A 218 1.39 18.82 9.38
CA LEU A 218 1.08 19.58 8.17
C LEU A 218 0.26 20.84 8.46
N PRO A 219 0.45 21.89 7.65
CA PRO A 219 -0.30 23.14 7.84
C PRO A 219 -1.80 22.92 7.84
N GLU A 220 -2.49 23.66 8.71
CA GLU A 220 -3.93 23.56 8.85
C GLU A 220 -4.60 23.58 7.48
N GLY A 221 -5.70 22.84 7.35
CA GLY A 221 -6.43 22.81 6.10
C GLY A 221 -5.92 21.88 5.00
N THR A 222 -4.81 21.18 5.25
CA THR A 222 -4.28 20.27 4.24
C THR A 222 -5.16 19.02 4.17
N ARG A 223 -5.58 18.67 2.97
CA ARG A 223 -6.44 17.51 2.77
C ARG A 223 -5.61 16.32 2.28
N LEU A 224 -5.71 15.19 2.99
CA LEU A 224 -4.97 14.00 2.61
C LEU A 224 -5.81 13.15 1.66
N VAL A 225 -5.18 12.66 0.61
CA VAL A 225 -5.87 11.83 -0.36
C VAL A 225 -5.08 10.54 -0.61
N ASP A 226 -5.77 9.39 -0.57
CA ASP A 226 -5.09 8.14 -0.86
C ASP A 226 -5.99 7.27 -1.74
N SER A 227 -5.53 6.07 -2.04
CA SER A 227 -6.24 5.15 -2.91
C SER A 227 -7.12 4.09 -2.25
N GLY A 228 -7.08 4.05 -0.93
CA GLY A 228 -7.83 3.06 -0.15
C GLY A 228 -9.27 2.73 -0.52
N ALA A 229 -10.16 3.71 -0.36
CA ALA A 229 -11.57 3.52 -0.66
C ALA A 229 -11.80 3.16 -2.12
N ALA A 230 -11.02 3.74 -3.02
CA ALA A 230 -11.16 3.45 -4.45
C ALA A 230 -10.74 2.01 -4.77
N ILE A 231 -9.75 1.51 -4.03
CA ILE A 231 -9.26 0.15 -4.22
C ILE A 231 -10.35 -0.80 -3.76
N ALA A 232 -10.98 -0.44 -2.65
CA ALA A 232 -12.05 -1.24 -2.08
C ALA A 232 -13.16 -1.36 -3.12
N ARG A 233 -13.59 -0.22 -3.68
CA ARG A 233 -14.64 -0.23 -4.71
C ARG A 233 -14.23 -1.06 -5.91
N ARG A 234 -12.99 -0.93 -6.35
CA ARG A 234 -12.51 -1.71 -7.50
C ARG A 234 -12.52 -3.20 -7.18
N THR A 235 -12.20 -3.54 -5.93
CA THR A 235 -12.19 -4.93 -5.47
C THR A 235 -13.60 -5.51 -5.49
N ALA A 236 -14.55 -4.74 -4.98
CA ALA A 236 -15.94 -5.17 -4.95
C ALA A 236 -16.46 -5.35 -6.38
N TRP A 237 -16.03 -4.49 -7.30
CA TRP A 237 -16.48 -4.60 -8.68
C TRP A 237 -15.92 -5.86 -9.34
N LEU A 238 -14.65 -6.15 -9.08
CA LEU A 238 -14.00 -7.32 -9.67
C LEU A 238 -14.55 -8.62 -9.09
N LEU A 239 -14.89 -8.61 -7.81
CA LEU A 239 -15.44 -9.81 -7.19
C LEU A 239 -16.81 -10.09 -7.79
N GLU A 240 -17.39 -9.07 -8.41
CA GLU A 240 -18.71 -9.20 -9.03
C GLU A 240 -18.68 -9.54 -10.51
N HIS A 241 -17.72 -8.97 -11.23
CA HIS A 241 -17.66 -9.19 -12.67
C HIS A 241 -16.46 -9.97 -13.23
N GLU A 242 -15.53 -10.42 -12.39
CA GLU A 242 -14.36 -11.14 -12.91
C GLU A 242 -13.76 -12.26 -12.07
N ALA A 243 -13.89 -12.18 -10.75
CA ALA A 243 -13.29 -13.17 -9.87
C ALA A 243 -13.86 -14.59 -9.98
N PRO A 244 -12.98 -15.59 -10.05
CA PRO A 244 -13.42 -16.99 -10.15
C PRO A 244 -13.95 -17.42 -8.78
N ASP A 245 -14.75 -18.50 -8.76
CA ASP A 245 -15.33 -19.00 -7.53
C ASP A 245 -14.31 -19.65 -6.60
N ALA A 246 -13.40 -18.87 -6.04
CA ALA A 246 -12.39 -19.38 -5.13
C ALA A 246 -12.71 -18.89 -3.72
N LYS A 247 -13.22 -19.80 -2.89
CA LYS A 247 -13.60 -19.42 -1.53
C LYS A 247 -13.17 -20.43 -0.47
N SER A 248 -13.19 -19.99 0.78
CA SER A 248 -12.81 -20.82 1.91
C SER A 248 -13.57 -20.40 3.17
N ALA A 249 -13.72 -21.33 4.10
CA ALA A 249 -14.40 -21.04 5.35
C ALA A 249 -13.38 -20.81 6.47
N ASP A 250 -12.10 -21.01 6.16
CA ASP A 250 -11.05 -20.81 7.14
C ASP A 250 -11.01 -19.35 7.57
N ALA A 251 -10.47 -19.10 8.76
CA ALA A 251 -10.38 -17.74 9.29
C ALA A 251 -9.28 -16.98 8.55
N ASN A 252 -9.30 -15.65 8.68
CA ASN A 252 -8.31 -14.81 8.04
C ASN A 252 -6.91 -15.18 8.53
N ILE A 253 -5.93 -15.12 7.64
CA ILE A 253 -4.57 -15.46 8.04
C ILE A 253 -3.53 -14.51 7.45
N ALA A 254 -2.45 -14.31 8.19
CA ALA A 254 -1.36 -13.44 7.76
C ALA A 254 -0.14 -14.31 7.49
N PHE A 255 0.57 -14.03 6.41
CA PHE A 255 1.78 -14.76 6.04
C PHE A 255 2.99 -13.84 6.02
N CYS A 256 4.09 -14.28 6.62
CA CYS A 256 5.33 -13.51 6.55
C CYS A 256 6.26 -14.43 5.74
N MET A 257 7.37 -13.92 5.24
CA MET A 257 8.27 -14.76 4.46
C MET A 257 9.36 -15.39 5.33
N ALA A 258 9.48 -14.90 6.56
CA ALA A 258 10.46 -15.41 7.51
C ALA A 258 9.94 -15.11 8.90
N MET A 259 9.91 -16.13 9.75
CA MET A 259 9.44 -15.97 11.12
C MET A 259 10.55 -15.35 11.95
N THR A 260 10.69 -14.03 11.83
CA THR A 260 11.71 -13.28 12.54
C THR A 260 11.10 -12.54 13.72
N PRO A 261 11.94 -11.99 14.60
CA PRO A 261 11.37 -11.26 15.74
C PRO A 261 10.55 -10.09 15.23
N GLY A 262 11.03 -9.42 14.19
CA GLY A 262 10.32 -8.29 13.62
C GLY A 262 8.92 -8.65 13.15
N ALA A 263 8.80 -9.73 12.40
CA ALA A 263 7.51 -10.19 11.90
C ALA A 263 6.61 -10.59 13.07
N GLU A 264 7.19 -11.30 14.04
CA GLU A 264 6.43 -11.75 15.20
C GLU A 264 5.88 -10.59 16.01
N GLN A 265 6.63 -9.49 16.06
CA GLN A 265 6.21 -8.31 16.82
C GLN A 265 4.96 -7.65 16.25
N LEU A 266 4.56 -8.05 15.04
CA LEU A 266 3.36 -7.50 14.42
C LEU A 266 2.11 -8.27 14.81
N LEU A 267 2.29 -9.42 15.46
CA LEU A 267 1.16 -10.25 15.85
C LEU A 267 -0.02 -9.52 16.48
N PRO A 268 0.22 -8.74 17.56
CA PRO A 268 -0.90 -8.03 18.19
C PRO A 268 -1.66 -7.09 17.24
N VAL A 269 -0.94 -6.35 16.41
CA VAL A 269 -1.57 -5.44 15.46
C VAL A 269 -2.31 -6.24 14.40
N LEU A 270 -1.68 -7.28 13.89
CA LEU A 270 -2.33 -8.12 12.89
C LEU A 270 -3.64 -8.66 13.45
N GLN A 271 -3.62 -9.05 14.72
CA GLN A 271 -4.81 -9.60 15.37
C GLN A 271 -5.89 -8.52 15.50
N ARG A 272 -5.50 -7.30 15.85
CA ARG A 272 -6.45 -6.20 15.95
C ARG A 272 -7.08 -5.93 14.56
N TYR A 273 -6.32 -6.20 13.50
CA TYR A 273 -6.81 -6.02 12.14
C TYR A 273 -7.72 -7.15 11.66
N GLY A 274 -7.78 -8.24 12.41
CA GLY A 274 -8.64 -9.34 12.00
C GLY A 274 -7.94 -10.61 11.56
N PHE A 275 -6.63 -10.67 11.74
CA PHE A 275 -5.87 -11.86 11.37
C PHE A 275 -5.45 -12.55 12.66
N GLU A 276 -6.11 -13.67 12.96
CA GLU A 276 -5.84 -14.41 14.18
C GLU A 276 -4.48 -15.06 14.21
N THR A 277 -4.03 -15.53 13.06
CA THR A 277 -2.77 -16.24 12.97
C THR A 277 -1.76 -15.65 11.99
N LEU A 278 -0.48 -15.84 12.32
CA LEU A 278 0.64 -15.40 11.49
C LEU A 278 1.48 -16.64 11.24
N GLU A 279 1.64 -17.00 9.97
CA GLU A 279 2.44 -18.18 9.60
C GLU A 279 3.49 -17.81 8.56
N LYS A 280 4.52 -18.64 8.46
CA LYS A 280 5.57 -18.43 7.48
C LYS A 280 5.14 -19.07 6.17
N LEU A 281 5.34 -18.34 5.07
CA LEU A 281 4.99 -18.86 3.76
C LEU A 281 6.28 -19.28 3.04
N ALA A 282 6.30 -20.48 2.50
CA ALA A 282 7.47 -20.98 1.78
C ALA A 282 7.42 -20.45 0.35
N VAL A 283 8.42 -19.65 -0.01
CA VAL A 283 8.50 -19.06 -1.35
C VAL A 283 9.65 -19.61 -2.19
N LEU A 284 9.41 -19.72 -3.50
CA LEU A 284 10.43 -20.22 -4.43
C LEU A 284 10.90 -19.11 -5.36
N GLY A 285 11.28 -17.97 -4.79
CA GLY A 285 11.73 -16.86 -5.59
C GLY A 285 11.93 -15.57 -4.83
#